data_8PPH
#
_entry.id   8PPH
#
_cell.length_a   72.046
_cell.length_b   97.503
_cell.length_c   190.879
_cell.angle_alpha   90.00
_cell.angle_beta   90.00
_cell.angle_gamma   90.00
#
_symmetry.space_group_name_H-M   'C 2 2 21'
#
loop_
_entity.id
_entity.type
_entity.pdbx_description
1 polymer 'Inositol-trisphosphate 3-kinase A'
2 non-polymer "ADENOSINE-5'-TRIPHOSPHATE"
3 non-polymer 'alpha-D-glucopyranosyl 1,3,4-trisphosphate'
4 non-polymer 'SULFATE ION'
5 non-polymer 'MANGANESE (II) ION'
6 water water
#
_entity_poly.entity_id   1
_entity_poly.type   'polypeptide(L)'
_entity_poly.pdbx_seq_one_letter_code
;GSHMSWVQLAGHTGSFKAAGTSGLILKRCSEPERYCLARLMADALRGCVPAFHGVVERDGESYLQLQDLLDGFDGPCVLD
CKMGVRTYLEEELTKARERPKLRKDMYKKMLAVDPEAPTEEEHAQRAVTKPRYMQWREGISSSTTLGFRIEGIKKADGSC
STDFKTTRSREQVLRVFEEFVQGDEEVLRRYLNRLQQIRDTLEVSEFFRRHEVIGSSLLFVHDHCHRAGVWLIDFGKTTP
LPDGQILDHRRPWEEGNREDGYLLGLDNLIGILASLAER
;
_entity_poly.pdbx_strand_id   A,B
#
# COMPACT_ATOMS: atom_id res chain seq x y z
N GLY A 1 1.43 -4.66 18.13
CA GLY A 1 2.49 -5.64 18.46
C GLY A 1 3.87 -5.14 18.09
N SER A 2 4.25 -5.25 16.82
CA SER A 2 5.55 -4.76 16.28
C SER A 2 5.36 -4.30 14.82
N HIS A 3 6.17 -3.34 14.38
CA HIS A 3 6.16 -2.82 12.98
C HIS A 3 6.72 -3.89 12.04
N MET A 4 7.82 -4.57 12.43
CA MET A 4 8.47 -5.62 11.60
C MET A 4 7.48 -6.76 11.31
N SER A 5 6.57 -7.05 12.25
CA SER A 5 5.43 -8.00 12.06
C SER A 5 4.57 -7.55 10.87
N TRP A 6 4.17 -6.28 10.84
CA TRP A 6 3.39 -5.68 9.72
C TRP A 6 4.22 -5.76 8.42
N VAL A 7 5.51 -5.41 8.51
CA VAL A 7 6.48 -5.45 7.36
C VAL A 7 6.39 -6.82 6.70
N GLN A 8 6.53 -7.90 7.48
CA GLN A 8 6.51 -9.32 7.03
C GLN A 8 5.25 -9.61 6.19
N LEU A 9 4.08 -9.22 6.68
CA LEU A 9 2.76 -9.52 6.06
C LEU A 9 2.54 -8.57 4.88
N GLY A 14 12.07 -1.19 4.11
CA GLY A 14 13.09 -0.29 3.56
C GLY A 14 14.23 -0.03 4.52
N SER A 15 14.09 0.98 5.39
CA SER A 15 15.13 1.45 6.33
C SER A 15 15.07 0.68 7.66
N PHE A 16 14.09 -0.22 7.86
CA PHE A 16 13.79 -0.85 9.17
C PHE A 16 14.15 -2.34 9.18
N LYS A 17 14.71 -2.78 10.32
CA LYS A 17 15.19 -4.15 10.57
C LYS A 17 14.78 -4.55 11.99
N ALA A 18 14.47 -5.84 12.20
CA ALA A 18 14.11 -6.41 13.51
C ALA A 18 15.28 -6.24 14.47
N ALA A 19 15.01 -5.83 15.71
CA ALA A 19 16.00 -5.68 16.80
C ALA A 19 16.09 -6.98 17.59
N GLY A 20 17.19 -7.18 18.34
CA GLY A 20 17.39 -8.34 19.23
C GLY A 20 16.53 -8.26 20.48
N THR A 21 16.31 -7.03 20.97
CA THR A 21 15.59 -6.73 22.24
C THR A 21 14.08 -6.60 21.95
N SER A 22 13.26 -7.20 22.81
CA SER A 22 11.77 -7.08 22.76
C SER A 22 11.40 -5.59 22.81
N GLY A 23 10.44 -5.18 21.99
CA GLY A 23 9.85 -3.82 22.01
C GLY A 23 10.78 -2.78 21.39
N LEU A 24 11.86 -3.19 20.71
CA LEU A 24 12.75 -2.26 19.97
C LEU A 24 12.66 -2.54 18.47
N ILE A 25 13.11 -1.59 17.65
CA ILE A 25 13.19 -1.68 16.17
C ILE A 25 14.47 -0.96 15.73
N LEU A 26 15.09 -1.41 14.63
CA LEU A 26 16.31 -0.77 14.11
C LEU A 26 15.95 0.03 12.87
N LYS A 27 16.41 1.28 12.79
CA LYS A 27 16.25 2.16 11.61
C LYS A 27 17.65 2.49 11.10
N ARG A 28 17.88 2.36 9.80
CA ARG A 28 19.19 2.74 9.18
C ARG A 28 19.58 4.14 9.66
N CYS A 29 20.79 4.26 10.22
CA CYS A 29 21.35 5.51 10.76
C CYS A 29 21.60 6.53 9.63
N SER A 30 21.13 7.77 9.83
CA SER A 30 21.45 8.99 9.06
C SER A 30 21.98 10.00 10.07
N GLU A 31 22.96 10.82 9.69
CA GLU A 31 23.66 11.70 10.67
C GLU A 31 22.72 12.77 11.19
N PRO A 32 21.87 13.41 10.34
CA PRO A 32 20.92 14.41 10.82
C PRO A 32 19.98 13.77 11.85
N GLU A 33 19.46 12.59 11.55
CA GLU A 33 18.47 11.91 12.43
C GLU A 33 19.12 11.50 13.76
N ARG A 34 20.33 10.93 13.74
CA ARG A 34 21.04 10.55 14.97
C ARG A 34 21.27 11.79 15.85
N TYR A 35 21.75 12.89 15.26
CA TYR A 35 21.97 14.19 15.95
C TYR A 35 20.65 14.63 16.61
N CYS A 36 19.55 14.63 15.85
CA CYS A 36 18.22 15.07 16.36
C CYS A 36 17.75 14.19 17.52
N LEU A 37 17.76 12.87 17.36
CA LEU A 37 17.21 11.96 18.41
C LEU A 37 18.01 12.10 19.70
N ALA A 38 19.34 12.25 19.61
CA ALA A 38 20.17 12.45 20.82
C ALA A 38 19.74 13.73 21.55
N ARG A 39 19.58 14.84 20.85
CA ARG A 39 19.13 16.13 21.43
C ARG A 39 17.71 15.94 21.99
N LEU A 40 16.84 15.27 21.25
CA LEU A 40 15.41 15.14 21.65
C LEU A 40 15.29 14.39 22.99
N MET A 41 16.16 13.42 23.28
CA MET A 41 16.10 12.64 24.54
C MET A 41 16.39 13.55 25.75
N ALA A 42 16.96 14.73 25.52
CA ALA A 42 17.33 15.70 26.58
C ALA A 42 16.45 16.95 26.49
N ASP A 43 15.38 16.88 25.70
CA ASP A 43 14.52 18.04 25.38
C ASP A 43 13.15 17.85 26.02
N ALA A 44 12.36 18.91 26.09
CA ALA A 44 10.96 18.85 26.53
C ALA A 44 10.21 17.82 25.69
N LEU A 45 10.61 17.63 24.42
CA LEU A 45 9.91 16.70 23.50
C LEU A 45 10.27 15.23 23.74
N ARG A 46 11.11 14.93 24.73
CA ARG A 46 11.55 13.52 25.01
C ARG A 46 10.39 12.52 24.91
N GLY A 47 9.25 12.80 25.55
CA GLY A 47 8.12 11.84 25.60
C GLY A 47 7.26 11.83 24.33
N CYS A 48 7.51 12.75 23.40
CA CYS A 48 6.69 12.96 22.19
C CYS A 48 7.31 12.22 21.00
N VAL A 49 8.46 11.60 21.21
CA VAL A 49 9.26 10.96 20.12
C VAL A 49 9.57 9.56 20.61
N PRO A 50 9.87 8.59 19.73
CA PRO A 50 10.27 7.27 20.18
C PRO A 50 11.59 7.34 20.98
N ALA A 51 11.69 6.51 22.02
CA ALA A 51 12.92 6.34 22.83
C ALA A 51 14.05 5.99 21.86
N PHE A 52 15.17 6.72 21.99
CA PHE A 52 16.41 6.47 21.22
C PHE A 52 17.46 5.90 22.18
N HIS A 53 17.94 4.69 21.90
CA HIS A 53 18.82 3.93 22.82
C HIS A 53 20.28 3.92 22.34
N GLY A 54 20.58 4.61 21.23
CA GLY A 54 21.92 4.70 20.66
C GLY A 54 22.03 3.93 19.35
N VAL A 55 23.25 3.67 18.90
CA VAL A 55 23.54 3.09 17.56
C VAL A 55 24.13 1.70 17.76
N VAL A 56 23.77 0.76 16.89
CA VAL A 56 24.31 -0.64 16.89
C VAL A 56 24.70 -1.00 15.45
N GLU A 57 25.70 -1.87 15.32
CA GLU A 57 26.24 -2.38 14.02
C GLU A 57 25.58 -3.72 13.70
N ARG A 58 25.05 -3.87 12.47
CA ARG A 58 24.43 -5.13 11.98
C ARG A 58 24.77 -5.28 10.48
N ASP A 59 25.45 -6.37 10.13
CA ASP A 59 26.01 -6.62 8.76
C ASP A 59 26.93 -5.44 8.40
N GLY A 60 27.84 -5.10 9.33
CA GLY A 60 28.80 -3.97 9.22
C GLY A 60 28.13 -2.68 8.75
N GLU A 61 26.94 -2.35 9.28
CA GLU A 61 26.22 -1.08 8.98
C GLU A 61 25.50 -0.57 10.22
N SER A 62 25.36 0.76 10.33
CA SER A 62 24.90 1.50 11.53
C SER A 62 23.36 1.59 11.55
N TYR A 63 22.74 1.25 12.68
CA TYR A 63 21.26 1.37 12.88
C TYR A 63 20.97 2.14 14.17
N LEU A 64 19.99 3.04 14.11
CA LEU A 64 19.38 3.65 15.31
C LEU A 64 18.58 2.57 16.03
N GLN A 65 18.82 2.40 17.33
CA GLN A 65 18.03 1.49 18.20
C GLN A 65 16.85 2.27 18.78
N LEU A 66 15.64 2.02 18.28
CA LEU A 66 14.42 2.82 18.61
C LEU A 66 13.39 1.96 19.34
N GLN A 67 12.65 2.62 20.22
CA GLN A 67 11.35 2.11 20.69
C GLN A 67 10.51 1.72 19.47
N ASP A 68 9.97 0.50 19.48
CA ASP A 68 8.87 0.08 18.59
C ASP A 68 7.56 0.62 19.15
N LEU A 69 7.04 1.65 18.50
CA LEU A 69 5.82 2.39 18.96
C LEU A 69 4.59 1.48 18.93
N LEU A 70 4.60 0.40 18.13
CA LEU A 70 3.44 -0.53 18.04
C LEU A 70 3.42 -1.56 19.17
N ASP A 71 4.49 -1.67 19.97
CA ASP A 71 4.69 -2.78 20.94
C ASP A 71 3.54 -2.91 21.95
N GLY A 72 3.04 -1.79 22.49
CA GLY A 72 1.98 -1.80 23.53
C GLY A 72 0.59 -2.11 22.99
N PHE A 73 0.40 -2.16 21.66
CA PHE A 73 -0.94 -2.20 21.03
C PHE A 73 -1.28 -3.65 20.63
N ASP A 74 -2.57 -3.95 20.63
CA ASP A 74 -3.11 -5.26 20.20
C ASP A 74 -3.74 -5.07 18.81
N GLY A 75 -2.99 -5.37 17.76
CA GLY A 75 -3.51 -5.23 16.38
C GLY A 75 -3.64 -3.76 16.02
N PRO A 76 -2.52 -3.01 16.07
CA PRO A 76 -2.57 -1.56 15.84
C PRO A 76 -3.02 -1.14 14.43
N CYS A 77 -3.84 -0.09 14.39
CA CYS A 77 -4.17 0.78 13.24
C CYS A 77 -3.18 1.94 13.29
N VAL A 78 -2.56 2.29 12.17
CA VAL A 78 -1.51 3.35 12.11
C VAL A 78 -1.86 4.36 11.01
N LEU A 79 -1.70 5.64 11.29
CA LEU A 79 -1.82 6.69 10.26
C LEU A 79 -0.58 7.58 10.35
N ASP A 80 0.04 7.83 9.21
CA ASP A 80 1.27 8.66 9.09
C ASP A 80 0.86 9.98 8.47
N CYS A 81 1.09 11.06 9.20
CA CYS A 81 0.74 12.43 8.82
C CYS A 81 2.03 13.21 8.63
N LYS A 82 2.41 13.59 7.40
CA LYS A 82 3.62 14.41 7.16
C LYS A 82 3.35 15.86 7.51
N MET A 83 4.16 16.43 8.39
CA MET A 83 3.91 17.78 8.92
C MET A 83 4.72 18.83 8.17
N GLY A 84 4.08 19.95 7.88
CA GLY A 84 4.74 21.16 7.36
C GLY A 84 4.11 21.62 6.07
N VAL A 85 4.23 22.90 5.79
CA VAL A 85 3.77 23.47 4.49
C VAL A 85 4.82 23.18 3.44
N ARG A 86 6.07 22.98 3.84
CA ARG A 86 7.20 22.70 2.92
C ARG A 86 7.78 21.34 3.30
N THR A 87 8.19 20.53 2.31
CA THR A 87 8.57 19.10 2.47
C THR A 87 9.97 18.84 1.91
N TYR A 88 10.71 19.90 1.58
CA TYR A 88 12.10 19.82 1.07
C TYR A 88 12.92 20.91 1.77
N LEU A 89 14.22 20.70 1.89
CA LEU A 89 15.16 21.72 2.46
C LEU A 89 15.42 22.83 1.42
N GLU A 90 15.63 24.05 1.87
CA GLU A 90 15.98 25.22 1.01
C GLU A 90 17.25 24.93 0.22
N GLU A 91 18.19 24.17 0.78
CA GLU A 91 19.46 23.82 0.10
C GLU A 91 19.16 23.02 -1.18
N GLU A 92 18.04 22.29 -1.20
N GLU A 92 18.05 22.28 -1.21
CA GLU A 92 17.59 21.48 -2.38
CA GLU A 92 17.63 21.50 -2.41
C GLU A 92 17.20 22.44 -3.51
C GLU A 92 17.23 22.46 -3.53
N LEU A 93 16.70 23.64 -3.19
CA LEU A 93 16.32 24.68 -4.20
C LEU A 93 17.58 25.21 -4.89
N THR A 94 18.58 25.60 -4.10
CA THR A 94 19.91 26.04 -4.58
C THR A 94 20.45 24.99 -5.56
N LYS A 95 20.63 23.75 -5.10
CA LYS A 95 21.26 22.67 -5.92
C LYS A 95 20.50 22.52 -7.24
N ALA A 96 19.16 22.60 -7.20
CA ALA A 96 18.29 22.41 -8.39
C ALA A 96 18.55 23.52 -9.42
N ARG A 97 18.93 24.71 -8.96
CA ARG A 97 19.28 25.87 -9.81
C ARG A 97 20.66 25.69 -10.43
N GLU A 98 21.67 25.43 -9.59
CA GLU A 98 23.11 25.40 -9.97
C GLU A 98 23.46 24.07 -10.67
N ARG A 99 22.75 22.98 -10.36
CA ARG A 99 23.21 21.60 -10.62
C ARG A 99 22.03 20.63 -10.60
N PRO A 100 21.00 20.85 -11.45
CA PRO A 100 19.76 20.07 -11.39
C PRO A 100 19.99 18.57 -11.61
N LYS A 101 19.30 17.73 -10.81
CA LYS A 101 19.22 16.26 -10.99
C LYS A 101 17.82 15.91 -11.51
N LEU A 102 17.68 15.69 -12.81
CA LEU A 102 16.36 15.42 -13.46
C LEU A 102 15.90 14.01 -13.10
N ARG A 103 14.60 13.84 -12.85
CA ARG A 103 14.00 12.61 -12.26
C ARG A 103 12.84 12.16 -13.14
N LYS A 104 12.97 10.99 -13.78
CA LYS A 104 12.04 10.53 -14.85
C LYS A 104 10.77 9.94 -14.20
N ASP A 105 10.93 9.19 -13.11
CA ASP A 105 9.82 8.59 -12.31
C ASP A 105 8.87 9.71 -11.84
N MET A 106 9.45 10.78 -11.28
CA MET A 106 8.70 11.93 -10.72
C MET A 106 7.90 12.58 -11.84
N TYR A 107 8.46 12.66 -13.06
CA TYR A 107 7.74 13.14 -14.26
C TYR A 107 6.52 12.24 -14.51
N LYS A 108 6.67 10.91 -14.51
CA LYS A 108 5.59 9.93 -14.84
C LYS A 108 4.41 10.06 -13.85
N LYS A 109 4.73 10.14 -12.56
CA LYS A 109 3.74 10.31 -11.45
C LYS A 109 2.85 11.52 -11.76
N MET A 110 3.44 12.62 -12.24
CA MET A 110 2.75 13.91 -12.49
C MET A 110 1.73 13.75 -13.62
N LEU A 111 2.19 13.26 -14.78
CA LEU A 111 1.31 12.94 -15.93
C LEU A 111 0.03 12.30 -15.40
N ALA A 112 0.22 11.24 -14.58
CA ALA A 112 -0.81 10.33 -14.02
C ALA A 112 -1.85 11.13 -13.23
N VAL A 113 -1.42 11.97 -12.28
CA VAL A 113 -2.32 12.82 -11.48
C VAL A 113 -2.86 13.97 -12.37
N ASP A 114 -1.99 14.67 -13.11
CA ASP A 114 -2.41 15.81 -13.97
C ASP A 114 -1.52 15.89 -15.21
N PRO A 115 -2.04 15.47 -16.40
CA PRO A 115 -1.26 15.54 -17.63
C PRO A 115 -0.79 16.96 -18.00
N GLU A 116 -1.56 17.99 -17.64
CA GLU A 116 -1.24 19.41 -17.94
C GLU A 116 -0.35 20.03 -16.85
N ALA A 117 0.09 19.25 -15.87
CA ALA A 117 0.92 19.74 -14.73
C ALA A 117 2.35 20.03 -15.20
N PRO A 118 3.06 19.07 -15.84
CA PRO A 118 4.42 19.32 -16.32
C PRO A 118 4.40 20.38 -17.43
N THR A 119 5.43 21.23 -17.46
CA THR A 119 5.65 22.29 -18.49
C THR A 119 6.07 21.64 -19.80
N GLU A 120 6.02 22.39 -20.90
CA GLU A 120 6.51 21.95 -22.24
C GLU A 120 7.93 21.39 -22.10
N GLU A 121 8.79 22.05 -21.32
CA GLU A 121 10.24 21.69 -21.18
C GLU A 121 10.40 20.41 -20.36
N GLU A 122 9.60 20.25 -19.29
CA GLU A 122 9.65 19.02 -18.47
C GLU A 122 9.23 17.82 -19.34
N HIS A 123 8.14 17.97 -20.09
CA HIS A 123 7.65 16.97 -21.08
C HIS A 123 8.81 16.59 -22.01
N ALA A 124 9.45 17.56 -22.65
CA ALA A 124 10.58 17.34 -23.58
C ALA A 124 11.75 16.66 -22.86
N GLN A 125 12.00 17.02 -21.59
CA GLN A 125 13.04 16.39 -20.72
C GLN A 125 12.56 14.99 -20.26
N ARG A 126 11.26 14.74 -20.28
CA ARG A 126 10.60 13.59 -19.60
C ARG A 126 11.07 13.52 -18.14
N ALA A 127 11.34 14.66 -17.48
CA ALA A 127 12.00 14.70 -16.16
C ALA A 127 11.80 16.05 -15.46
N VAL A 128 11.81 16.03 -14.12
CA VAL A 128 11.65 17.24 -13.27
C VAL A 128 12.69 17.20 -12.14
N THR A 129 12.95 18.34 -11.53
CA THR A 129 13.76 18.47 -10.29
C THR A 129 12.91 18.00 -9.11
N LYS A 130 13.57 17.50 -8.07
CA LYS A 130 12.90 17.00 -6.83
C LYS A 130 12.07 18.14 -6.23
N PRO A 131 12.65 19.35 -5.99
CA PRO A 131 11.91 20.46 -5.40
C PRO A 131 10.65 20.88 -6.16
N ARG A 132 10.70 20.89 -7.50
CA ARG A 132 9.52 21.13 -8.34
C ARG A 132 8.49 20.04 -8.05
N TYR A 133 8.93 18.77 -8.00
CA TYR A 133 8.06 17.60 -7.78
C TYR A 133 7.41 17.75 -6.39
N MET A 134 8.22 18.09 -5.38
CA MET A 134 7.75 18.17 -3.97
C MET A 134 6.80 19.36 -3.85
N GLN A 135 7.09 20.50 -4.49
CA GLN A 135 6.15 21.65 -4.53
C GLN A 135 4.80 21.26 -5.15
N TRP A 136 4.82 20.52 -6.27
CA TRP A 136 3.57 20.10 -6.91
C TRP A 136 2.76 19.19 -5.94
N ARG A 137 3.41 18.23 -5.31
CA ARG A 137 2.82 17.27 -4.32
C ARG A 137 2.17 18.08 -3.20
N GLU A 138 2.80 19.18 -2.79
CA GLU A 138 2.30 20.01 -1.67
C GLU A 138 0.97 20.65 -2.07
N GLY A 139 0.81 21.04 -3.32
CA GLY A 139 -0.36 21.80 -3.78
C GLY A 139 -1.55 20.91 -4.09
N ILE A 140 -1.33 19.67 -4.54
CA ILE A 140 -2.44 18.74 -4.90
C ILE A 140 -2.92 18.03 -3.63
N SER A 141 -2.06 17.96 -2.60
CA SER A 141 -2.45 17.49 -1.23
C SER A 141 -2.83 18.69 -0.35
N SER A 142 -3.02 18.44 0.95
CA SER A 142 -3.37 19.47 1.94
C SER A 142 -2.11 20.20 2.43
N SER A 143 -0.91 19.82 2.01
CA SER A 143 0.35 20.37 2.59
C SER A 143 0.34 21.90 2.50
N THR A 144 0.14 22.49 1.31
CA THR A 144 0.28 23.96 1.09
C THR A 144 -0.74 24.73 1.94
N THR A 145 -2.01 24.33 1.92
CA THR A 145 -3.15 25.10 2.51
C THR A 145 -3.29 24.80 4.01
N LEU A 146 -3.11 23.56 4.44
CA LEU A 146 -3.35 23.15 5.86
C LEU A 146 -2.05 22.89 6.63
N GLY A 147 -0.90 22.72 5.98
CA GLY A 147 0.38 22.53 6.70
C GLY A 147 0.62 21.10 7.16
N PHE A 148 -0.13 20.13 6.63
CA PHE A 148 0.13 18.68 6.84
C PHE A 148 -0.53 17.90 5.70
N ARG A 149 -0.17 16.64 5.59
CA ARG A 149 -0.90 15.73 4.66
C ARG A 149 -0.84 14.32 5.19
N ILE A 150 -1.92 13.59 4.96
CA ILE A 150 -1.95 12.14 5.24
C ILE A 150 -1.07 11.43 4.21
N GLU A 151 -0.14 10.61 4.67
CA GLU A 151 0.76 9.84 3.79
C GLU A 151 0.24 8.40 3.62
N GLY A 152 -0.28 7.79 4.68
CA GLY A 152 -0.68 6.38 4.57
C GLY A 152 -1.36 5.86 5.82
N ILE A 153 -2.11 4.77 5.66
CA ILE A 153 -2.75 4.04 6.79
C ILE A 153 -2.34 2.58 6.73
N LYS A 154 -2.14 1.95 7.89
CA LYS A 154 -1.77 0.52 7.99
C LYS A 154 -2.68 -0.12 9.03
N LYS A 155 -2.81 -1.46 8.94
CA LYS A 155 -3.50 -2.31 9.95
C LYS A 155 -2.72 -3.62 10.13
N ALA A 156 -2.86 -4.25 11.30
CA ALA A 156 -2.02 -5.36 11.80
C ALA A 156 -2.19 -6.64 10.95
N ASP A 157 -3.24 -6.74 10.12
CA ASP A 157 -3.45 -7.90 9.20
C ASP A 157 -2.45 -7.83 8.04
N GLY A 158 -2.00 -6.61 7.70
CA GLY A 158 -1.14 -6.33 6.54
C GLY A 158 -1.77 -5.28 5.63
N SER A 159 -3.07 -5.03 5.76
CA SER A 159 -3.91 -4.09 4.95
C SER A 159 -3.38 -2.67 5.06
N CYS A 160 -2.98 -2.05 3.95
CA CYS A 160 -2.35 -0.71 3.92
C CYS A 160 -2.85 0.10 2.73
N SER A 161 -2.81 1.42 2.85
CA SER A 161 -3.09 2.36 1.74
C SER A 161 -2.16 3.57 1.80
N THR A 162 -1.67 3.98 0.63
CA THR A 162 -0.95 5.26 0.41
C THR A 162 -1.73 6.12 -0.59
N ASP A 163 -3.00 5.79 -0.86
CA ASP A 163 -3.79 6.42 -1.94
C ASP A 163 -4.38 7.76 -1.47
N PHE A 164 -3.52 8.72 -1.07
CA PHE A 164 -3.93 10.03 -0.48
C PHE A 164 -3.27 11.22 -1.18
N LYS A 165 -2.69 11.04 -2.38
CA LYS A 165 -1.90 12.12 -3.03
C LYS A 165 -2.78 13.32 -3.40
N THR A 166 -4.10 13.19 -3.57
CA THR A 166 -5.02 14.31 -3.87
C THR A 166 -6.01 14.55 -2.72
N THR A 167 -5.71 14.07 -1.51
CA THR A 167 -6.50 14.39 -0.31
C THR A 167 -6.09 15.79 0.11
N ARG A 168 -6.97 16.79 -0.09
CA ARG A 168 -6.56 18.21 -0.01
C ARG A 168 -7.49 19.04 0.87
N SER A 169 -8.81 18.96 0.68
CA SER A 169 -9.78 19.84 1.39
C SER A 169 -9.83 19.41 2.87
N ARG A 170 -10.19 20.35 3.73
CA ARG A 170 -10.40 20.10 5.17
C ARG A 170 -11.34 18.90 5.35
N GLU A 171 -12.42 18.86 4.59
CA GLU A 171 -13.47 17.81 4.72
C GLU A 171 -12.95 16.46 4.20
N GLN A 172 -12.11 16.45 3.16
CA GLN A 172 -11.46 15.20 2.67
C GLN A 172 -10.58 14.60 3.78
N VAL A 173 -9.77 15.43 4.43
CA VAL A 173 -8.87 14.99 5.54
C VAL A 173 -9.75 14.45 6.68
N LEU A 174 -10.77 15.20 7.08
CA LEU A 174 -11.71 14.76 8.15
C LEU A 174 -12.29 13.39 7.80
N ARG A 175 -12.71 13.16 6.56
CA ARG A 175 -13.29 11.84 6.17
C ARG A 175 -12.25 10.73 6.27
N VAL A 176 -10.97 10.99 6.03
CA VAL A 176 -9.92 9.95 6.23
C VAL A 176 -9.84 9.60 7.73
N PHE A 177 -9.79 10.60 8.61
CA PHE A 177 -9.69 10.35 10.08
C PHE A 177 -10.98 9.69 10.56
N GLU A 178 -12.13 10.11 10.06
CA GLU A 178 -13.44 9.49 10.42
C GLU A 178 -13.38 7.99 10.11
N GLU A 179 -12.89 7.61 8.93
CA GLU A 179 -12.77 6.17 8.56
C GLU A 179 -11.72 5.49 9.45
N PHE A 180 -10.61 6.16 9.75
CA PHE A 180 -9.48 5.59 10.51
C PHE A 180 -9.94 5.24 11.94
N VAL A 181 -10.73 6.09 12.59
CA VAL A 181 -11.12 5.87 14.02
C VAL A 181 -12.38 5.01 14.10
N GLN A 182 -13.11 4.82 12.99
CA GLN A 182 -14.24 3.86 12.94
C GLN A 182 -15.19 4.09 14.12
N GLY A 183 -15.52 5.36 14.40
CA GLY A 183 -16.54 5.77 15.38
C GLY A 183 -16.14 5.54 16.84
N ASP A 184 -14.85 5.30 17.12
CA ASP A 184 -14.34 5.05 18.50
C ASP A 184 -14.12 6.40 19.18
N GLU A 185 -15.09 6.84 19.99
CA GLU A 185 -15.07 8.15 20.67
C GLU A 185 -13.88 8.23 21.63
N GLU A 186 -13.49 7.11 22.22
CA GLU A 186 -12.42 7.08 23.27
C GLU A 186 -11.08 7.27 22.56
N VAL A 187 -10.87 6.60 21.44
CA VAL A 187 -9.61 6.79 20.66
C VAL A 187 -9.52 8.24 20.22
N LEU A 188 -10.58 8.81 19.64
CA LEU A 188 -10.54 10.18 19.16
C LEU A 188 -10.26 11.15 20.31
N ARG A 189 -10.89 10.95 21.47
N ARG A 189 -10.90 10.94 21.46
CA ARG A 189 -10.67 11.86 22.62
CA ARG A 189 -10.70 11.77 22.67
C ARG A 189 -9.20 11.77 23.05
C ARG A 189 -9.23 11.75 23.05
N ARG A 190 -8.65 10.56 23.11
CA ARG A 190 -7.23 10.35 23.51
C ARG A 190 -6.29 10.96 22.48
N TYR A 191 -6.57 10.81 21.18
CA TYR A 191 -5.74 11.47 20.14
C TYR A 191 -5.76 12.99 20.35
N LEU A 192 -6.91 13.59 20.59
CA LEU A 192 -7.03 15.05 20.75
C LEU A 192 -6.27 15.49 22.02
N ASN A 193 -6.39 14.73 23.10
CA ASN A 193 -5.67 15.08 24.36
C ASN A 193 -4.17 15.03 24.09
N ARG A 194 -3.71 14.00 23.38
CA ARG A 194 -2.28 13.83 23.07
C ARG A 194 -1.82 14.99 22.16
N LEU A 195 -2.58 15.34 21.12
CA LEU A 195 -2.15 16.44 20.22
C LEU A 195 -2.07 17.76 20.99
N GLN A 196 -3.03 18.02 21.89
CA GLN A 196 -3.04 19.27 22.70
C GLN A 196 -1.74 19.31 23.53
N GLN A 197 -1.37 18.19 24.13
CA GLN A 197 -0.17 18.12 25.01
C GLN A 197 1.09 18.21 24.15
N ILE A 198 1.12 17.59 22.96
CA ILE A 198 2.25 17.78 22.02
C ILE A 198 2.39 19.26 21.63
N ARG A 199 1.31 19.94 21.27
CA ARG A 199 1.38 21.35 20.84
C ARG A 199 2.02 22.15 21.99
N ASP A 200 1.54 21.94 23.20
CA ASP A 200 2.07 22.66 24.39
C ASP A 200 3.58 22.42 24.51
N THR A 201 4.03 21.18 24.33
CA THR A 201 5.44 20.78 24.45
C THR A 201 6.25 21.45 23.34
N LEU A 202 5.76 21.42 22.10
CA LEU A 202 6.48 22.04 20.96
C LEU A 202 6.66 23.55 21.24
N GLU A 203 5.65 24.18 21.82
CA GLU A 203 5.64 25.64 22.02
C GLU A 203 6.66 26.06 23.10
N VAL A 204 7.17 25.13 23.91
CA VAL A 204 8.21 25.48 24.93
C VAL A 204 9.54 24.80 24.62
N SER A 205 9.58 23.87 23.68
CA SER A 205 10.79 23.07 23.34
C SER A 205 11.96 23.96 22.89
N GLU A 206 13.14 23.79 23.50
CA GLU A 206 14.39 24.48 23.07
C GLU A 206 14.79 23.92 21.70
N PHE A 207 14.77 22.60 21.53
CA PHE A 207 15.03 21.94 20.22
C PHE A 207 14.14 22.60 19.16
N PHE A 208 12.83 22.64 19.38
CA PHE A 208 11.88 23.00 18.31
C PHE A 208 12.12 24.44 17.83
N ARG A 209 12.35 25.39 18.72
CA ARG A 209 12.51 26.81 18.30
C ARG A 209 13.83 26.99 17.53
N ARG A 210 14.80 26.09 17.70
CA ARG A 210 16.17 26.21 17.12
C ARG A 210 16.35 25.32 15.87
N HIS A 211 15.30 24.64 15.40
CA HIS A 211 15.43 23.66 14.28
C HIS A 211 14.32 23.85 13.26
N GLU A 212 14.69 23.74 11.98
CA GLU A 212 13.80 23.63 10.80
C GLU A 212 13.36 22.17 10.69
N VAL A 213 12.07 21.90 10.83
CA VAL A 213 11.55 20.51 10.97
C VAL A 213 10.83 20.17 9.67
N ILE A 214 11.55 19.54 8.75
CA ILE A 214 11.08 19.24 7.37
C ILE A 214 11.02 17.72 7.21
N GLY A 215 9.94 17.22 6.62
CA GLY A 215 9.81 15.80 6.27
C GLY A 215 9.50 14.89 7.45
N SER A 216 9.21 15.44 8.64
CA SER A 216 8.83 14.63 9.81
C SER A 216 7.34 14.30 9.74
N SER A 217 6.91 13.30 10.49
CA SER A 217 5.50 12.89 10.58
C SER A 217 5.03 12.87 12.03
N LEU A 218 3.72 12.92 12.19
CA LEU A 218 3.03 12.48 13.40
C LEU A 218 2.47 11.10 13.08
N LEU A 219 2.86 10.12 13.88
CA LEU A 219 2.37 8.74 13.76
C LEU A 219 1.24 8.53 14.77
N PHE A 220 0.02 8.32 14.27
CA PHE A 220 -1.17 7.98 15.07
C PHE A 220 -1.27 6.47 15.17
N VAL A 221 -1.38 5.94 16.38
CA VAL A 221 -1.47 4.47 16.62
C VAL A 221 -2.64 4.20 17.57
N HIS A 222 -3.55 3.31 17.20
CA HIS A 222 -4.65 2.92 18.13
C HIS A 222 -5.00 1.45 17.95
N ASP A 223 -5.72 0.88 18.91
CA ASP A 223 -6.16 -0.53 18.80
C ASP A 223 -7.62 -0.66 19.25
N HIS A 224 -8.12 -1.89 19.20
CA HIS A 224 -9.55 -2.21 19.45
C HIS A 224 -9.82 -2.16 20.94
N CYS A 225 -8.76 -2.13 21.75
CA CYS A 225 -8.84 -1.93 23.23
C CYS A 225 -8.91 -0.44 23.58
N HIS A 226 -8.95 0.44 22.57
CA HIS A 226 -9.11 1.91 22.70
C HIS A 226 -7.79 2.57 23.14
N ARG A 227 -6.68 1.83 23.17
N ARG A 227 -6.68 1.83 23.18
CA ARG A 227 -5.33 2.43 23.37
CA ARG A 227 -5.33 2.43 23.36
C ARG A 227 -5.05 3.34 22.18
C ARG A 227 -5.10 3.38 22.18
N ALA A 228 -4.51 4.54 22.43
CA ALA A 228 -4.23 5.55 21.40
C ALA A 228 -2.97 6.30 21.79
N GLY A 229 -2.08 6.47 20.82
CA GLY A 229 -0.84 7.25 21.00
C GLY A 229 -0.52 8.04 19.77
N VAL A 230 0.24 9.12 19.94
CA VAL A 230 0.75 9.93 18.80
C VAL A 230 2.21 10.25 19.12
N TRP A 231 3.09 10.12 18.12
CA TRP A 231 4.52 10.47 18.30
C TRP A 231 5.01 11.21 17.07
N LEU A 232 5.97 12.11 17.26
CA LEU A 232 6.76 12.70 16.15
C LEU A 232 7.80 11.66 15.74
N ILE A 233 7.94 11.43 14.44
CA ILE A 233 9.00 10.55 13.88
C ILE A 233 9.65 11.20 12.66
N ASP A 234 10.82 10.65 12.31
CA ASP A 234 11.56 10.94 11.04
C ASP A 234 12.18 12.33 11.08
N PHE A 235 13.40 12.38 11.63
CA PHE A 235 14.17 13.63 11.79
C PHE A 235 15.33 13.67 10.78
N GLY A 236 15.20 12.95 9.66
CA GLY A 236 16.25 12.90 8.62
C GLY A 236 16.48 14.22 7.91
N LYS A 237 15.52 15.16 7.91
CA LYS A 237 15.65 16.48 7.24
C LYS A 237 15.39 17.60 8.25
N THR A 238 15.65 17.35 9.54
CA THR A 238 15.51 18.34 10.62
C THR A 238 16.92 18.88 10.94
N THR A 239 17.11 20.19 10.74
CA THR A 239 18.45 20.83 10.77
C THR A 239 18.42 22.05 11.68
N PRO A 240 19.50 22.27 12.49
CA PRO A 240 19.60 23.47 13.31
C PRO A 240 19.73 24.75 12.48
N LEU A 241 19.14 25.83 12.98
CA LEU A 241 19.29 27.19 12.41
C LEU A 241 20.64 27.70 12.91
N PRO A 242 21.31 28.58 12.14
CA PRO A 242 22.65 29.07 12.51
C PRO A 242 22.55 30.16 13.58
N ASP A 243 23.70 30.55 14.15
CA ASP A 243 23.90 31.79 14.96
C ASP A 243 22.71 32.03 15.90
N GLY A 244 22.25 31.00 16.61
CA GLY A 244 21.12 31.09 17.56
C GLY A 244 19.92 31.85 16.98
N GLN A 245 19.57 31.58 15.71
CA GLN A 245 18.35 32.10 15.03
C GLN A 245 17.18 31.17 15.41
N ILE A 246 15.93 31.65 15.38
CA ILE A 246 14.75 30.81 15.78
C ILE A 246 13.62 30.95 14.75
N LEU A 247 12.72 29.96 14.72
CA LEU A 247 11.48 29.98 13.88
C LEU A 247 10.27 30.07 14.79
N ASP A 248 9.16 30.62 14.26
CA ASP A 248 7.86 30.62 14.97
C ASP A 248 7.03 29.41 14.51
N HIS A 249 7.34 28.80 13.36
CA HIS A 249 6.68 27.57 12.86
C HIS A 249 5.19 27.81 12.53
N ARG A 250 4.73 29.06 12.39
CA ARG A 250 3.36 29.37 11.90
C ARG A 250 3.40 30.27 10.66
N ARG A 251 4.35 31.22 10.59
CA ARG A 251 4.36 32.26 9.53
C ARG A 251 4.64 31.60 8.18
N PRO A 252 4.16 32.17 7.06
CA PRO A 252 4.45 31.62 5.73
C PRO A 252 5.94 31.45 5.41
N TRP A 253 6.26 30.39 4.67
CA TRP A 253 7.62 30.13 4.14
C TRP A 253 7.87 31.09 2.97
N GLU A 254 9.00 31.77 3.01
CA GLU A 254 9.58 32.64 1.96
C GLU A 254 11.07 32.32 1.89
N GLU A 255 11.55 31.86 0.75
CA GLU A 255 12.94 31.32 0.60
C GLU A 255 13.91 32.23 1.36
N GLY A 256 14.71 31.65 2.26
CA GLY A 256 15.65 32.37 3.14
C GLY A 256 15.21 32.42 4.59
N ASN A 257 13.91 32.31 4.89
CA ASN A 257 13.39 32.43 6.30
C ASN A 257 13.31 31.04 6.94
N ARG A 258 13.40 29.97 6.13
CA ARG A 258 13.55 28.57 6.61
C ARG A 258 12.32 28.12 7.43
N GLU A 259 11.21 28.84 7.31
CA GLU A 259 9.97 28.55 8.08
C GLU A 259 9.32 27.29 7.47
N ASP A 260 8.79 26.41 8.32
CA ASP A 260 8.31 25.07 7.91
C ASP A 260 6.78 24.96 8.06
N GLY A 261 6.10 25.96 8.61
CA GLY A 261 4.67 25.92 8.96
C GLY A 261 4.24 24.70 9.78
N TYR A 262 5.13 24.09 10.56
CA TYR A 262 4.83 22.88 11.38
C TYR A 262 3.61 23.15 12.27
N LEU A 263 3.59 24.27 13.00
CA LEU A 263 2.49 24.50 13.98
C LEU A 263 1.22 24.97 13.28
N LEU A 264 1.31 25.62 12.13
CA LEU A 264 0.11 25.87 11.29
C LEU A 264 -0.55 24.51 11.03
N GLY A 265 0.25 23.50 10.67
CA GLY A 265 -0.22 22.12 10.42
C GLY A 265 -0.85 21.52 11.66
N LEU A 266 -0.18 21.63 12.79
CA LEU A 266 -0.70 20.98 14.01
C LEU A 266 -1.98 21.69 14.47
N ASP A 267 -2.03 23.01 14.34
CA ASP A 267 -3.25 23.80 14.69
C ASP A 267 -4.40 23.31 13.84
N ASN A 268 -4.18 23.18 12.53
CA ASN A 268 -5.26 22.73 11.61
C ASN A 268 -5.66 21.30 11.95
N LEU A 269 -4.68 20.42 12.21
CA LEU A 269 -4.94 19.00 12.49
C LEU A 269 -5.79 18.87 13.76
N ILE A 270 -5.44 19.64 14.79
CA ILE A 270 -6.24 19.64 16.05
C ILE A 270 -7.64 20.11 15.72
N GLY A 271 -7.81 21.16 14.91
CA GLY A 271 -9.14 21.71 14.58
C GLY A 271 -10.01 20.70 13.87
N ILE A 272 -9.43 19.91 12.99
CA ILE A 272 -10.14 18.88 12.19
C ILE A 272 -10.60 17.77 13.12
N LEU A 273 -9.73 17.31 14.01
CA LEU A 273 -10.09 16.23 14.97
C LEU A 273 -11.14 16.76 15.95
N ALA A 274 -11.02 18.00 16.40
CA ALA A 274 -12.04 18.63 17.30
C ALA A 274 -13.38 18.70 16.57
N SER A 275 -13.36 19.04 15.27
CA SER A 275 -14.57 19.09 14.41
C SER A 275 -15.17 17.68 14.33
N LEU A 276 -14.34 16.68 14.04
CA LEU A 276 -14.79 15.28 13.89
C LEU A 276 -15.49 14.86 15.19
N ALA A 277 -14.94 15.26 16.36
CA ALA A 277 -15.44 14.81 17.68
C ALA A 277 -16.85 15.35 17.93
N GLU A 278 -17.23 16.47 17.30
CA GLU A 278 -18.56 17.09 17.49
C GLU A 278 -19.58 16.58 16.46
N ARG A 279 -19.19 15.76 15.48
CA ARG A 279 -20.10 15.23 14.43
C ARG A 279 -20.93 14.08 15.01
N GLY B 1 6.60 -0.07 -18.58
CA GLY B 1 6.54 -0.24 -17.10
C GLY B 1 7.39 -1.40 -16.63
N SER B 2 7.56 -1.53 -15.32
CA SER B 2 8.41 -2.56 -14.65
C SER B 2 7.81 -2.84 -13.26
N HIS B 3 7.55 -4.10 -12.92
CA HIS B 3 7.03 -4.45 -11.56
C HIS B 3 8.07 -4.11 -10.48
N MET B 4 9.33 -4.48 -10.70
CA MET B 4 10.45 -4.27 -9.73
C MET B 4 10.62 -2.76 -9.43
N SER B 5 10.38 -1.90 -10.43
CA SER B 5 10.34 -0.42 -10.24
C SER B 5 9.29 -0.07 -9.16
N TRP B 6 8.07 -0.62 -9.27
CA TRP B 6 7.02 -0.45 -8.22
C TRP B 6 7.57 -0.97 -6.89
N VAL B 7 8.20 -2.14 -6.88
CA VAL B 7 8.86 -2.75 -5.67
C VAL B 7 10.12 -1.94 -5.38
N GLY B 14 8.51 -9.77 -2.47
CA GLY B 14 9.21 -10.81 -1.70
C GLY B 14 9.68 -11.96 -2.59
N SER B 15 8.78 -12.56 -3.36
CA SER B 15 9.03 -13.75 -4.21
C SER B 15 9.51 -13.34 -5.61
N PHE B 16 9.58 -12.03 -5.90
CA PHE B 16 9.99 -11.46 -7.22
C PHE B 16 11.38 -10.84 -7.11
N LYS B 17 12.19 -11.06 -8.17
CA LYS B 17 13.53 -10.46 -8.37
C LYS B 17 13.66 -9.97 -9.82
N ALA B 18 14.42 -8.90 -10.03
CA ALA B 18 14.76 -8.36 -11.37
C ALA B 18 15.47 -9.45 -12.18
N ALA B 19 15.11 -9.58 -13.45
CA ALA B 19 15.79 -10.48 -14.42
C ALA B 19 16.92 -9.68 -15.08
N GLY B 20 17.90 -10.40 -15.66
CA GLY B 20 18.98 -9.80 -16.49
C GLY B 20 18.42 -9.25 -17.79
N THR B 21 17.49 -9.98 -18.42
CA THR B 21 16.91 -9.66 -19.77
C THR B 21 15.79 -8.63 -19.63
N SER B 22 15.78 -7.63 -20.53
CA SER B 22 14.70 -6.63 -20.67
C SER B 22 13.35 -7.34 -20.89
N GLY B 23 12.29 -6.81 -20.29
CA GLY B 23 10.90 -7.29 -20.43
C GLY B 23 10.61 -8.54 -19.62
N LEU B 24 11.58 -9.05 -18.86
CA LEU B 24 11.41 -10.30 -18.06
C LEU B 24 11.43 -9.97 -16.57
N ILE B 25 11.01 -10.93 -15.76
CA ILE B 25 10.98 -10.80 -14.28
C ILE B 25 11.08 -12.21 -13.70
N LEU B 26 11.73 -12.34 -12.55
CA LEU B 26 11.96 -13.65 -11.92
C LEU B 26 10.98 -13.79 -10.76
N LYS B 27 10.37 -14.97 -10.67
CA LYS B 27 9.47 -15.37 -9.55
C LYS B 27 10.06 -16.62 -8.93
N ARG B 28 10.24 -16.62 -7.61
CA ARG B 28 10.74 -17.80 -6.86
C ARG B 28 9.93 -19.01 -7.34
N CYS B 29 10.63 -20.05 -7.78
CA CYS B 29 10.05 -21.29 -8.35
C CYS B 29 9.35 -22.09 -7.25
N SER B 30 8.14 -22.57 -7.55
CA SER B 30 7.40 -23.60 -6.77
C SER B 30 6.91 -24.64 -7.78
N GLU B 31 6.97 -25.93 -7.43
CA GLU B 31 6.76 -27.03 -8.40
C GLU B 31 5.35 -26.96 -8.99
N PRO B 32 4.29 -26.71 -8.19
CA PRO B 32 2.94 -26.66 -8.75
C PRO B 32 2.87 -25.56 -9.82
N GLU B 33 3.40 -24.37 -9.54
CA GLU B 33 3.36 -23.23 -10.49
C GLU B 33 4.15 -23.58 -11.75
N ARG B 34 5.36 -24.14 -11.64
CA ARG B 34 6.19 -24.50 -12.83
C ARG B 34 5.43 -25.51 -13.71
N TYR B 35 4.84 -26.52 -13.08
CA TYR B 35 4.05 -27.57 -13.77
C TYR B 35 2.96 -26.89 -14.60
N CYS B 36 2.22 -25.97 -13.97
CA CYS B 36 1.07 -25.27 -14.62
C CYS B 36 1.56 -24.43 -15.79
N LEU B 37 2.58 -23.60 -15.58
CA LEU B 37 3.07 -22.65 -16.62
C LEU B 37 3.60 -23.43 -17.82
N ALA B 38 4.30 -24.55 -17.59
CA ALA B 38 4.78 -25.45 -18.66
C ALA B 38 3.59 -25.97 -19.47
N ARG B 39 2.52 -26.41 -18.81
CA ARG B 39 1.28 -26.89 -19.46
C ARG B 39 0.59 -25.74 -20.20
N LEU B 40 0.52 -24.57 -19.58
CA LEU B 40 -0.21 -23.41 -20.14
C LEU B 40 0.46 -22.91 -21.42
N MET B 41 1.78 -23.06 -21.58
CA MET B 41 2.43 -22.56 -22.82
C MET B 41 1.97 -23.40 -24.02
N ALA B 42 1.44 -24.60 -23.78
CA ALA B 42 1.01 -25.56 -24.82
C ALA B 42 -0.52 -25.67 -24.83
N ASP B 43 -1.22 -24.71 -24.23
CA ASP B 43 -2.68 -24.77 -24.01
C ASP B 43 -3.36 -23.62 -24.77
N ALA B 44 -4.67 -23.72 -24.99
CA ALA B 44 -5.51 -22.60 -25.45
C ALA B 44 -5.19 -21.32 -24.67
N LEU B 45 -4.92 -21.41 -23.36
CA LEU B 45 -4.69 -20.23 -22.49
C LEU B 45 -3.30 -19.61 -22.64
N ARG B 46 -2.45 -20.09 -23.54
CA ARG B 46 -1.07 -19.57 -23.70
C ARG B 46 -1.06 -18.01 -23.71
N GLY B 47 -1.92 -17.36 -24.49
CA GLY B 47 -1.94 -15.89 -24.65
C GLY B 47 -2.52 -15.16 -23.43
N CYS B 48 -3.16 -15.88 -22.52
CA CYS B 48 -3.94 -15.32 -21.39
C CYS B 48 -3.10 -15.33 -20.11
N VAL B 49 -1.86 -15.80 -20.19
CA VAL B 49 -0.96 -15.94 -19.01
C VAL B 49 0.37 -15.34 -19.41
N PRO B 50 1.20 -14.92 -18.44
CA PRO B 50 2.54 -14.41 -18.76
C PRO B 50 3.35 -15.51 -19.44
N ALA B 51 4.10 -15.15 -20.49
CA ALA B 51 5.08 -16.05 -21.12
C ALA B 51 5.99 -16.65 -20.04
N PHE B 52 6.17 -17.97 -20.09
CA PHE B 52 7.08 -18.75 -19.22
C PHE B 52 8.24 -19.25 -20.09
N HIS B 53 9.46 -18.82 -19.77
CA HIS B 53 10.68 -19.05 -20.59
C HIS B 53 11.55 -20.16 -20.01
N GLY B 54 11.22 -20.64 -18.81
CA GLY B 54 11.92 -21.75 -18.12
C GLY B 54 12.38 -21.35 -16.73
N VAL B 55 13.14 -22.23 -16.08
CA VAL B 55 13.67 -22.04 -14.69
C VAL B 55 15.16 -21.69 -14.81
N VAL B 56 15.59 -20.64 -14.12
CA VAL B 56 17.01 -20.18 -14.05
C VAL B 56 17.44 -20.19 -12.58
N GLU B 57 18.74 -20.38 -12.32
CA GLU B 57 19.33 -20.37 -10.95
C GLU B 57 19.88 -18.98 -10.67
N ARG B 58 19.51 -18.38 -9.54
CA ARG B 58 20.03 -17.08 -9.04
C ARG B 58 20.31 -17.23 -7.53
N ASP B 59 21.60 -17.14 -7.15
CA ASP B 59 22.06 -17.19 -5.74
C ASP B 59 21.65 -18.53 -5.12
N GLY B 60 21.84 -19.63 -5.87
CA GLY B 60 21.52 -21.01 -5.43
C GLY B 60 20.03 -21.25 -5.19
N GLU B 61 19.15 -20.42 -5.75
CA GLU B 61 17.66 -20.54 -5.62
C GLU B 61 17.05 -20.52 -7.02
N SER B 62 16.04 -21.37 -7.26
CA SER B 62 15.34 -21.54 -8.56
C SER B 62 14.35 -20.39 -8.77
N TYR B 63 14.30 -19.85 -9.99
CA TYR B 63 13.38 -18.74 -10.36
C TYR B 63 12.69 -19.08 -11.69
N LEU B 64 11.38 -18.85 -11.72
CA LEU B 64 10.60 -18.85 -12.98
C LEU B 64 11.00 -17.60 -13.76
N GLN B 65 11.42 -17.78 -15.01
CA GLN B 65 11.67 -16.67 -15.97
C GLN B 65 10.33 -16.30 -16.63
N LEU B 66 9.74 -15.18 -16.22
CA LEU B 66 8.39 -14.73 -16.71
C LEU B 66 8.51 -13.46 -17.54
N GLN B 67 7.61 -13.32 -18.52
CA GLN B 67 7.23 -12.02 -19.07
C GLN B 67 6.90 -11.07 -17.92
N ASP B 68 7.46 -9.86 -17.93
CA ASP B 68 6.99 -8.76 -17.08
C ASP B 68 5.78 -8.11 -17.76
N LEU B 69 4.58 -8.37 -17.25
CA LEU B 69 3.32 -7.86 -17.85
C LEU B 69 3.26 -6.33 -17.89
N LEU B 70 4.09 -5.60 -17.13
CA LEU B 70 4.06 -4.12 -17.09
C LEU B 70 4.92 -3.52 -18.20
N ASP B 71 5.75 -4.33 -18.85
CA ASP B 71 6.81 -3.84 -19.79
C ASP B 71 6.18 -2.93 -20.86
N GLY B 72 5.07 -3.34 -21.47
CA GLY B 72 4.46 -2.59 -22.59
C GLY B 72 3.87 -1.25 -22.16
N PHE B 73 3.69 -1.00 -20.86
CA PHE B 73 2.84 0.11 -20.35
C PHE B 73 3.71 1.30 -19.91
N ASP B 74 3.16 2.50 -20.06
CA ASP B 74 3.85 3.75 -19.62
C ASP B 74 3.18 4.21 -18.33
N GLY B 75 3.75 3.87 -17.17
CA GLY B 75 3.22 4.24 -15.85
C GLY B 75 1.92 3.48 -15.56
N PRO B 76 1.97 2.15 -15.53
CA PRO B 76 0.74 1.34 -15.43
C PRO B 76 0.06 1.44 -14.05
N CYS B 77 -1.27 1.40 -14.05
CA CYS B 77 -2.19 1.16 -12.90
C CYS B 77 -2.48 -0.34 -12.91
N VAL B 78 -2.52 -0.98 -11.76
CA VAL B 78 -2.61 -2.46 -11.68
C VAL B 78 -3.66 -2.81 -10.65
N LEU B 79 -4.63 -3.65 -11.03
CA LEU B 79 -5.64 -4.16 -10.06
C LEU B 79 -5.54 -5.68 -10.06
N ASP B 80 -5.39 -6.28 -8.88
CA ASP B 80 -5.21 -7.73 -8.67
C ASP B 80 -6.54 -8.28 -8.13
N CYS B 81 -7.14 -9.19 -8.87
CA CYS B 81 -8.47 -9.74 -8.53
C CYS B 81 -8.33 -11.24 -8.28
N LYS B 82 -8.51 -11.73 -7.03
CA LYS B 82 -8.34 -13.17 -6.70
C LYS B 82 -9.62 -13.93 -7.09
N MET B 83 -9.48 -14.96 -7.93
CA MET B 83 -10.61 -15.66 -8.57
C MET B 83 -10.98 -16.93 -7.78
N GLY B 84 -12.28 -17.14 -7.62
CA GLY B 84 -12.83 -18.37 -7.06
C GLY B 84 -13.71 -18.12 -5.86
N VAL B 85 -14.68 -19.00 -5.63
CA VAL B 85 -15.51 -18.94 -4.39
C VAL B 85 -14.68 -19.48 -3.22
N ARG B 86 -13.65 -20.26 -3.52
CA ARG B 86 -12.82 -20.95 -2.49
C ARG B 86 -11.38 -20.54 -2.75
N THR B 87 -10.61 -20.28 -1.69
CA THR B 87 -9.24 -19.70 -1.74
C THR B 87 -8.22 -20.62 -1.08
N TYR B 88 -8.62 -21.83 -0.71
CA TYR B 88 -7.78 -22.87 -0.07
C TYR B 88 -8.06 -24.21 -0.76
N LEU B 89 -7.11 -25.13 -0.71
CA LEU B 89 -7.31 -26.52 -1.20
C LEU B 89 -8.13 -27.29 -0.16
N GLU B 90 -8.89 -28.30 -0.60
CA GLU B 90 -9.72 -29.19 0.27
C GLU B 90 -8.81 -29.95 1.25
N GLU B 91 -7.54 -30.16 0.90
CA GLU B 91 -6.54 -30.82 1.77
C GLU B 91 -6.33 -30.03 3.06
N GLU B 92 -6.56 -28.71 3.05
CA GLU B 92 -6.38 -27.80 4.24
C GLU B 92 -7.46 -28.09 5.30
N LEU B 93 -8.66 -28.50 4.89
CA LEU B 93 -9.74 -28.91 5.84
C LEU B 93 -9.32 -30.19 6.55
N THR B 94 -8.96 -31.21 5.76
CA THR B 94 -8.43 -32.53 6.22
C THR B 94 -7.37 -32.29 7.29
N LYS B 95 -6.35 -31.47 6.99
CA LYS B 95 -5.23 -31.11 7.89
C LYS B 95 -5.77 -30.65 9.25
N ALA B 96 -6.81 -29.80 9.25
CA ALA B 96 -7.48 -29.27 10.47
C ALA B 96 -8.31 -30.39 11.12
N ARG B 103 -3.25 -21.27 14.25
CA ARG B 103 -2.46 -20.24 13.53
C ARG B 103 -2.58 -18.90 14.28
N LYS B 104 -1.46 -18.43 14.84
CA LYS B 104 -1.35 -17.14 15.57
C LYS B 104 -1.51 -15.98 14.57
N ASP B 105 -0.71 -16.02 13.50
CA ASP B 105 -0.71 -15.04 12.37
C ASP B 105 -2.15 -14.71 11.95
N MET B 106 -2.99 -15.74 11.75
CA MET B 106 -4.35 -15.61 11.17
C MET B 106 -5.36 -15.13 12.22
N TYR B 107 -5.17 -15.48 13.50
CA TYR B 107 -6.03 -14.96 14.61
C TYR B 107 -5.80 -13.45 14.76
N LYS B 108 -4.55 -13.00 14.64
CA LYS B 108 -4.14 -11.56 14.62
C LYS B 108 -4.84 -10.86 13.45
N LYS B 109 -4.63 -11.37 12.23
CA LYS B 109 -5.25 -10.88 10.97
C LYS B 109 -6.77 -10.70 11.16
N MET B 110 -7.43 -11.67 11.79
CA MET B 110 -8.89 -11.65 12.04
C MET B 110 -9.23 -10.49 12.98
N LEU B 111 -8.51 -10.38 14.08
CA LEU B 111 -8.74 -9.34 15.12
C LEU B 111 -8.62 -7.93 14.48
N ALA B 112 -7.64 -7.73 13.58
CA ALA B 112 -7.36 -6.43 12.91
C ALA B 112 -8.58 -5.94 12.12
N VAL B 113 -9.33 -6.86 11.50
CA VAL B 113 -10.54 -6.54 10.68
C VAL B 113 -11.75 -6.44 11.63
N ASP B 114 -12.04 -7.51 12.36
CA ASP B 114 -13.21 -7.61 13.27
C ASP B 114 -12.75 -8.26 14.57
N PRO B 115 -12.49 -7.46 15.64
CA PRO B 115 -12.18 -8.00 16.97
C PRO B 115 -13.33 -8.81 17.61
N GLU B 116 -14.58 -8.65 17.12
CA GLU B 116 -15.80 -9.29 17.68
C GLU B 116 -16.20 -10.52 16.84
N ALA B 117 -15.39 -10.91 15.86
CA ALA B 117 -15.68 -12.01 14.89
C ALA B 117 -15.50 -13.39 15.51
N PRO B 118 -14.33 -13.71 16.15
CA PRO B 118 -14.03 -15.09 16.57
C PRO B 118 -15.06 -15.68 17.55
N THR B 119 -15.12 -17.03 17.63
CA THR B 119 -16.01 -17.82 18.54
C THR B 119 -15.19 -18.26 19.77
N GLU B 120 -15.87 -18.84 20.77
CA GLU B 120 -15.35 -19.07 22.16
C GLU B 120 -14.05 -19.89 22.14
N GLU B 121 -13.97 -20.98 21.36
CA GLU B 121 -12.79 -21.89 21.28
C GLU B 121 -11.55 -21.10 20.89
N GLU B 122 -11.71 -20.11 19.99
CA GLU B 122 -10.65 -19.19 19.49
C GLU B 122 -10.60 -17.95 20.40
N HIS B 123 -11.77 -17.46 20.82
CA HIS B 123 -11.96 -16.19 21.58
C HIS B 123 -12.08 -16.51 23.08
N ALA B 127 -5.48 -17.95 18.26
CA ALA B 127 -5.22 -18.86 17.11
C ALA B 127 -6.55 -19.35 16.51
N VAL B 128 -6.59 -19.47 15.18
CA VAL B 128 -7.75 -19.96 14.37
C VAL B 128 -7.20 -20.99 13.38
N THR B 129 -8.04 -21.91 12.88
CA THR B 129 -7.67 -22.84 11.77
C THR B 129 -7.59 -22.02 10.48
N LYS B 130 -6.68 -22.37 9.56
CA LYS B 130 -6.46 -21.65 8.28
C LYS B 130 -7.75 -21.65 7.45
N PRO B 131 -8.39 -22.83 7.18
CA PRO B 131 -9.64 -22.87 6.43
C PRO B 131 -10.71 -21.94 7.01
N ARG B 132 -10.85 -21.92 8.35
CA ARG B 132 -11.84 -21.07 9.07
C ARG B 132 -11.53 -19.58 8.79
N TYR B 133 -10.25 -19.19 8.89
CA TYR B 133 -9.81 -17.81 8.57
C TYR B 133 -10.13 -17.49 7.11
N MET B 134 -9.75 -18.38 6.18
CA MET B 134 -9.95 -18.15 4.73
C MET B 134 -11.45 -18.21 4.41
N GLN B 135 -12.23 -19.06 5.08
CA GLN B 135 -13.73 -19.08 4.95
C GLN B 135 -14.32 -17.76 5.44
N TRP B 136 -13.88 -17.24 6.59
CA TRP B 136 -14.36 -15.93 7.10
C TRP B 136 -13.93 -14.84 6.10
N ARG B 137 -12.69 -14.88 5.59
CA ARG B 137 -12.17 -13.88 4.60
C ARG B 137 -13.04 -13.92 3.34
N GLU B 138 -13.47 -15.12 2.93
CA GLU B 138 -14.31 -15.32 1.72
C GLU B 138 -15.67 -14.68 1.91
N GLY B 139 -16.21 -14.72 3.13
CA GLY B 139 -17.59 -14.30 3.42
C GLY B 139 -17.72 -12.81 3.67
N ILE B 140 -16.69 -12.14 4.22
CA ILE B 140 -16.73 -10.66 4.48
C ILE B 140 -16.37 -9.90 3.19
N SER B 141 -15.66 -10.55 2.26
CA SER B 141 -15.38 -10.02 0.90
C SER B 141 -16.45 -10.54 -0.07
N SER B 142 -16.30 -10.28 -1.36
CA SER B 142 -17.19 -10.78 -2.43
C SER B 142 -16.90 -12.24 -2.81
N SER B 143 -15.87 -12.92 -2.28
CA SER B 143 -15.47 -14.26 -2.76
C SER B 143 -16.68 -15.21 -2.70
N THR B 144 -17.35 -15.33 -1.54
CA THR B 144 -18.35 -16.40 -1.32
C THR B 144 -19.50 -16.21 -2.31
N THR B 145 -19.99 -14.98 -2.46
CA THR B 145 -21.23 -14.67 -3.22
C THR B 145 -20.94 -14.39 -4.70
N LEU B 146 -19.83 -13.75 -5.05
CA LEU B 146 -19.56 -13.33 -6.45
C LEU B 146 -18.51 -14.21 -7.13
N GLY B 147 -17.66 -14.93 -6.39
CA GLY B 147 -16.64 -15.85 -6.93
C GLY B 147 -15.38 -15.12 -7.35
N PHE B 148 -15.17 -13.94 -6.80
CA PHE B 148 -13.88 -13.20 -6.92
C PHE B 148 -13.80 -12.15 -5.81
N ARG B 149 -12.61 -11.63 -5.56
CA ARG B 149 -12.49 -10.43 -4.70
C ARG B 149 -11.31 -9.57 -5.15
N ILE B 150 -11.48 -8.27 -5.06
CA ILE B 150 -10.39 -7.28 -5.29
C ILE B 150 -9.36 -7.43 -4.17
N GLU B 151 -8.11 -7.72 -4.52
CA GLU B 151 -7.02 -7.87 -3.51
C GLU B 151 -6.30 -6.53 -3.33
N GLY B 152 -6.05 -5.79 -4.40
CA GLY B 152 -5.28 -4.55 -4.26
C GLY B 152 -5.15 -3.79 -5.54
N ILE B 153 -4.81 -2.52 -5.43
CA ILE B 153 -4.59 -1.61 -6.58
C ILE B 153 -3.21 -0.98 -6.40
N LYS B 154 -2.42 -0.93 -7.47
N LYS B 154 -2.50 -0.80 -7.51
CA LYS B 154 -1.08 -0.30 -7.44
CA LYS B 154 -1.27 0.01 -7.58
C LYS B 154 -1.05 0.81 -8.49
C LYS B 154 -1.47 1.06 -8.66
N LYS B 155 -0.22 1.83 -8.26
N LYS B 155 -1.46 2.34 -8.26
CA LYS B 155 0.09 2.86 -9.28
CA LYS B 155 -1.78 3.50 -9.14
C LYS B 155 1.61 3.00 -9.38
C LYS B 155 -0.52 4.00 -9.85
N ALA B 156 2.09 3.45 -10.55
N ALA B 156 -0.70 4.61 -11.02
CA ALA B 156 3.52 3.46 -10.93
CA ALA B 156 0.36 5.27 -11.82
C ALA B 156 4.31 4.43 -10.05
C ALA B 156 0.92 6.47 -11.02
N ASP B 157 3.63 5.36 -9.35
N ASP B 157 0.22 6.87 -9.95
CA ASP B 157 4.29 6.33 -8.44
CA ASP B 157 0.63 8.01 -9.08
C ASP B 157 4.75 5.59 -7.18
C ASP B 157 1.51 7.49 -7.93
N GLY B 158 4.34 4.34 -7.02
N GLY B 158 1.81 6.19 -7.91
CA GLY B 158 4.65 3.51 -5.84
CA GLY B 158 2.75 5.55 -6.98
C GLY B 158 3.44 3.41 -4.91
C GLY B 158 2.05 4.95 -5.76
N SER B 159 2.40 4.18 -5.21
N SER B 159 0.80 5.37 -5.53
CA SER B 159 1.10 4.24 -4.47
CA SER B 159 -0.03 4.94 -4.37
C SER B 159 0.43 2.86 -4.49
C SER B 159 -0.50 3.50 -4.54
N CYS B 160 -0.18 2.45 -3.38
N CYS B 160 -0.58 2.74 -3.43
CA CYS B 160 -0.98 1.21 -3.40
CA CYS B 160 -0.92 1.28 -3.37
C CYS B 160 -2.11 1.27 -2.37
C CYS B 160 -1.91 1.02 -2.22
N SER B 161 -2.97 0.26 -2.47
CA SER B 161 -4.05 0.01 -1.50
C SER B 161 -4.41 -1.47 -1.52
N THR B 162 -4.45 -2.07 -0.33
CA THR B 162 -4.98 -3.44 -0.12
C THR B 162 -6.20 -3.37 0.81
N ASP B 163 -6.80 -2.18 0.95
CA ASP B 163 -7.90 -1.92 1.94
C ASP B 163 -9.24 -2.30 1.30
N PHE B 164 -9.41 -3.59 0.98
CA PHE B 164 -10.58 -4.14 0.24
C PHE B 164 -11.18 -5.36 0.95
N LYS B 165 -10.82 -5.59 2.22
CA LYS B 165 -11.18 -6.85 2.94
C LYS B 165 -12.70 -6.94 3.17
N THR B 166 -13.46 -5.83 3.21
CA THR B 166 -14.94 -5.84 3.38
C THR B 166 -15.65 -5.35 2.12
N THR B 167 -14.98 -5.36 0.97
CA THR B 167 -15.59 -5.01 -0.34
C THR B 167 -16.38 -6.24 -0.79
N ARG B 168 -17.71 -6.22 -0.66
CA ARG B 168 -18.53 -7.45 -0.79
C ARG B 168 -19.65 -7.31 -1.81
N SER B 169 -20.42 -6.24 -1.77
CA SER B 169 -21.63 -6.08 -2.59
C SER B 169 -21.20 -5.83 -4.04
N ARG B 170 -22.07 -6.18 -4.98
CA ARG B 170 -21.84 -5.94 -6.41
C ARG B 170 -21.59 -4.43 -6.60
N GLU B 171 -22.38 -3.58 -5.95
CA GLU B 171 -22.24 -2.11 -6.13
C GLU B 171 -20.90 -1.61 -5.53
N GLN B 172 -20.46 -2.13 -4.38
CA GLN B 172 -19.12 -1.85 -3.80
C GLN B 172 -18.01 -2.21 -4.78
N VAL B 173 -18.10 -3.39 -5.40
CA VAL B 173 -17.04 -3.84 -6.36
C VAL B 173 -17.06 -2.88 -7.55
N LEU B 174 -18.25 -2.56 -8.06
CA LEU B 174 -18.40 -1.66 -9.20
C LEU B 174 -17.72 -0.33 -8.89
N ARG B 175 -17.91 0.20 -7.67
CA ARG B 175 -17.33 1.52 -7.31
C ARG B 175 -15.80 1.44 -7.27
N VAL B 176 -15.21 0.32 -6.89
CA VAL B 176 -13.73 0.17 -6.90
C VAL B 176 -13.27 0.20 -8.36
N PHE B 177 -13.96 -0.51 -9.26
CA PHE B 177 -13.55 -0.49 -10.69
C PHE B 177 -13.77 0.91 -11.27
N GLU B 178 -14.86 1.57 -10.92
CA GLU B 178 -15.14 2.95 -11.36
C GLU B 178 -13.92 3.83 -11.01
N GLU B 179 -13.44 3.74 -9.77
CA GLU B 179 -12.32 4.56 -9.26
C GLU B 179 -11.04 4.17 -10.02
N PHE B 180 -10.83 2.87 -10.25
CA PHE B 180 -9.62 2.33 -10.89
C PHE B 180 -9.49 2.86 -12.33
N VAL B 181 -10.57 2.86 -13.10
CA VAL B 181 -10.47 3.24 -14.55
C VAL B 181 -10.55 4.76 -14.75
N GLN B 182 -11.05 5.51 -13.75
N GLN B 182 -11.06 5.51 -13.76
CA GLN B 182 -11.01 7.00 -13.76
CA GLN B 182 -11.05 7.00 -13.74
C GLN B 182 -11.70 7.57 -15.01
C GLN B 182 -11.69 7.56 -15.02
N GLY B 183 -12.86 7.04 -15.40
CA GLY B 183 -13.66 7.57 -16.52
C GLY B 183 -13.09 7.30 -17.91
N ASP B 184 -12.09 6.43 -18.03
CA ASP B 184 -11.44 6.09 -19.33
C ASP B 184 -12.29 5.03 -20.05
N GLU B 185 -13.13 5.48 -20.97
CA GLU B 185 -14.12 4.61 -21.67
C GLU B 185 -13.35 3.59 -22.53
N GLU B 186 -12.22 4.01 -23.10
CA GLU B 186 -11.41 3.16 -24.01
C GLU B 186 -10.80 2.03 -23.17
N VAL B 187 -10.22 2.35 -22.03
CA VAL B 187 -9.66 1.28 -21.14
C VAL B 187 -10.76 0.29 -20.73
N LEU B 188 -11.91 0.80 -20.29
CA LEU B 188 -13.00 -0.09 -19.83
C LEU B 188 -13.45 -1.00 -20.99
N ARG B 189 -13.58 -0.45 -22.21
CA ARG B 189 -13.98 -1.22 -23.42
C ARG B 189 -12.95 -2.34 -23.64
N ARG B 190 -11.66 -1.99 -23.59
CA ARG B 190 -10.57 -2.95 -23.84
C ARG B 190 -10.56 -4.02 -22.76
N TYR B 191 -10.78 -3.66 -21.49
CA TYR B 191 -10.87 -4.66 -20.41
C TYR B 191 -12.01 -5.65 -20.70
N LEU B 192 -13.17 -5.13 -21.11
CA LEU B 192 -14.37 -5.96 -21.33
C LEU B 192 -14.11 -6.90 -22.51
N ASN B 193 -13.51 -6.39 -23.59
CA ASN B 193 -13.20 -7.23 -24.79
C ASN B 193 -12.25 -8.34 -24.34
N ARG B 194 -11.25 -8.01 -23.51
CA ARG B 194 -10.25 -9.01 -23.08
C ARG B 194 -10.93 -10.04 -22.17
N LEU B 195 -11.79 -9.63 -21.24
CA LEU B 195 -12.46 -10.61 -20.33
C LEU B 195 -13.32 -11.58 -21.15
N GLN B 196 -14.02 -11.07 -22.17
CA GLN B 196 -14.95 -11.89 -23.00
C GLN B 196 -14.09 -12.95 -23.72
N GLN B 197 -12.97 -12.53 -24.27
CA GLN B 197 -12.04 -13.41 -25.01
C GLN B 197 -11.41 -14.41 -24.05
N ILE B 198 -11.02 -13.99 -22.83
CA ILE B 198 -10.50 -14.96 -21.82
C ILE B 198 -11.57 -15.99 -21.48
N ARG B 199 -12.83 -15.56 -21.28
CA ARG B 199 -13.91 -16.50 -20.90
C ARG B 199 -14.06 -17.56 -21.99
N ASP B 200 -14.08 -17.12 -23.24
CA ASP B 200 -14.24 -18.04 -24.40
C ASP B 200 -13.06 -19.02 -24.39
N THR B 201 -11.86 -18.53 -24.10
CA THR B 201 -10.64 -19.38 -24.07
C THR B 201 -10.73 -20.40 -22.92
N LEU B 202 -11.09 -19.96 -21.72
CA LEU B 202 -11.27 -20.87 -20.57
C LEU B 202 -12.28 -21.97 -20.88
N GLU B 203 -13.35 -21.63 -21.61
N GLU B 203 -13.36 -21.61 -21.58
CA GLU B 203 -14.47 -22.58 -21.86
CA GLU B 203 -14.47 -22.56 -21.86
C GLU B 203 -14.05 -23.66 -22.87
C GLU B 203 -13.96 -23.72 -22.73
N VAL B 204 -12.93 -23.50 -23.56
CA VAL B 204 -12.41 -24.54 -24.51
C VAL B 204 -11.07 -25.12 -24.03
N SER B 205 -10.43 -24.53 -23.05
CA SER B 205 -9.07 -24.93 -22.56
C SER B 205 -9.08 -26.37 -22.03
N GLU B 206 -8.22 -27.25 -22.58
CA GLU B 206 -8.03 -28.63 -22.03
C GLU B 206 -7.46 -28.54 -20.61
N PHE B 207 -6.51 -27.63 -20.37
CA PHE B 207 -5.90 -27.41 -19.03
C PHE B 207 -7.00 -27.06 -18.03
N PHE B 208 -7.83 -26.08 -18.38
CA PHE B 208 -8.80 -25.51 -17.42
C PHE B 208 -9.80 -26.59 -16.98
N ARG B 209 -10.31 -27.41 -17.89
CA ARG B 209 -11.38 -28.37 -17.54
C ARG B 209 -10.82 -29.44 -16.58
N ARG B 210 -9.50 -29.69 -16.60
CA ARG B 210 -8.87 -30.81 -15.84
C ARG B 210 -8.12 -30.29 -14.60
N HIS B 211 -8.16 -28.99 -14.29
CA HIS B 211 -7.44 -28.45 -13.10
C HIS B 211 -8.39 -27.69 -12.19
N GLU B 212 -8.14 -27.83 -10.89
CA GLU B 212 -8.77 -27.03 -9.83
C GLU B 212 -7.94 -25.75 -9.67
N VAL B 213 -8.53 -24.59 -9.94
CA VAL B 213 -7.76 -23.33 -10.05
C VAL B 213 -8.09 -22.50 -8.80
N ILE B 214 -7.23 -22.58 -7.79
CA ILE B 214 -7.42 -21.92 -6.47
C ILE B 214 -6.29 -20.91 -6.24
N GLY B 215 -6.63 -19.75 -5.71
CA GLY B 215 -5.69 -18.67 -5.35
C GLY B 215 -5.01 -18.03 -6.53
N SER B 216 -5.56 -18.16 -7.74
CA SER B 216 -5.05 -17.42 -8.92
C SER B 216 -5.71 -16.04 -8.95
N SER B 217 -5.15 -15.14 -9.74
CA SER B 217 -5.67 -13.76 -9.91
C SER B 217 -5.85 -13.45 -11.40
N LEU B 218 -6.74 -12.52 -11.69
CA LEU B 218 -6.73 -11.78 -12.95
C LEU B 218 -6.04 -10.46 -12.64
N LEU B 219 -4.99 -10.17 -13.39
CA LEU B 219 -4.21 -8.92 -13.22
C LEU B 219 -4.64 -7.96 -14.31
N PHE B 220 -5.31 -6.89 -13.93
CA PHE B 220 -5.74 -5.78 -14.81
C PHE B 220 -4.65 -4.74 -14.84
N VAL B 221 -4.19 -4.40 -16.04
CA VAL B 221 -3.11 -3.37 -16.22
C VAL B 221 -3.60 -2.35 -17.24
N HIS B 222 -3.50 -1.07 -16.91
CA HIS B 222 -3.77 -0.03 -17.94
C HIS B 222 -2.90 1.20 -17.72
N ASP B 223 -2.89 2.10 -18.71
CA ASP B 223 -2.04 3.33 -18.63
C ASP B 223 -2.77 4.52 -19.23
N HIS B 224 -2.19 5.73 -19.10
CA HIS B 224 -2.79 7.01 -19.54
C HIS B 224 -2.87 7.07 -21.06
N CYS B 225 -2.13 6.20 -21.77
CA CYS B 225 -2.17 6.05 -23.24
C CYS B 225 -3.30 5.10 -23.65
N HIS B 226 -4.11 4.63 -22.70
CA HIS B 226 -5.33 3.83 -22.94
C HIS B 226 -4.96 2.38 -23.26
N ARG B 227 -3.69 1.99 -23.13
CA ARG B 227 -3.31 0.56 -23.24
C ARG B 227 -3.99 -0.18 -22.08
N ALA B 228 -4.53 -1.37 -22.32
CA ALA B 228 -5.24 -2.17 -21.28
C ALA B 228 -4.99 -3.64 -21.56
N GLY B 229 -4.61 -4.39 -20.55
CA GLY B 229 -4.43 -5.85 -20.67
C GLY B 229 -4.96 -6.56 -19.45
N VAL B 230 -5.29 -7.84 -19.58
CA VAL B 230 -5.67 -8.68 -18.41
C VAL B 230 -4.99 -10.02 -18.60
N TRP B 231 -4.39 -10.55 -17.55
CA TRP B 231 -3.79 -11.90 -17.57
C TRP B 231 -4.18 -12.69 -16.32
N LEU B 232 -4.24 -14.01 -16.44
CA LEU B 232 -4.28 -14.94 -15.30
C LEU B 232 -2.86 -15.07 -14.76
N ILE B 233 -2.70 -14.95 -13.45
CA ILE B 233 -1.39 -15.15 -12.76
C ILE B 233 -1.59 -16.02 -11.50
N ASP B 234 -0.47 -16.55 -11.01
CA ASP B 234 -0.33 -17.25 -9.71
C ASP B 234 -0.99 -18.64 -9.78
N PHE B 235 -0.24 -19.64 -10.23
CA PHE B 235 -0.68 -21.04 -10.37
C PHE B 235 -0.13 -21.90 -9.22
N GLY B 236 0.28 -21.26 -8.13
CA GLY B 236 0.87 -21.92 -6.94
C GLY B 236 -0.07 -22.94 -6.31
N LYS B 237 -1.40 -22.78 -6.47
CA LYS B 237 -2.38 -23.70 -5.85
C LYS B 237 -3.33 -24.22 -6.93
N THR B 238 -2.87 -24.32 -8.17
CA THR B 238 -3.63 -24.94 -9.27
C THR B 238 -3.13 -26.37 -9.44
N THR B 239 -4.00 -27.37 -9.33
CA THR B 239 -3.62 -28.81 -9.21
C THR B 239 -4.52 -29.67 -10.08
N PRO B 240 -3.99 -30.74 -10.70
CA PRO B 240 -4.78 -31.57 -11.62
C PRO B 240 -5.82 -32.41 -10.88
N LEU B 241 -6.88 -32.76 -11.59
CA LEU B 241 -7.92 -33.69 -11.08
C LEU B 241 -7.51 -35.11 -11.44
N PRO B 242 -7.97 -36.12 -10.66
CA PRO B 242 -7.75 -37.53 -11.01
C PRO B 242 -8.10 -37.81 -12.47
N ASP B 243 -7.51 -38.87 -13.03
CA ASP B 243 -7.53 -39.20 -14.48
C ASP B 243 -8.97 -39.13 -14.99
N GLY B 244 -9.21 -38.34 -16.06
CA GLY B 244 -10.48 -38.31 -16.80
C GLY B 244 -11.60 -37.58 -16.08
N GLN B 245 -11.32 -36.93 -14.94
CA GLN B 245 -12.30 -36.12 -14.18
C GLN B 245 -12.14 -34.64 -14.58
N ILE B 246 -13.27 -33.92 -14.66
CA ILE B 246 -13.27 -32.49 -15.05
C ILE B 246 -14.11 -31.70 -14.04
N LEU B 247 -13.93 -30.37 -14.05
CA LEU B 247 -14.75 -29.39 -13.30
C LEU B 247 -15.56 -28.59 -14.32
N ASP B 248 -16.73 -28.09 -13.94
CA ASP B 248 -17.48 -27.13 -14.81
C ASP B 248 -17.17 -25.68 -14.38
N HIS B 249 -16.66 -25.48 -13.16
CA HIS B 249 -16.12 -24.20 -12.66
C HIS B 249 -17.24 -23.17 -12.45
N ARG B 250 -18.51 -23.58 -12.48
CA ARG B 250 -19.63 -22.68 -12.16
C ARG B 250 -20.44 -23.21 -10.97
N ARG B 251 -20.58 -24.53 -10.83
CA ARG B 251 -21.50 -25.06 -9.80
C ARG B 251 -20.92 -24.80 -8.41
N PRO B 252 -21.76 -24.80 -7.36
CA PRO B 252 -21.30 -24.60 -5.98
C PRO B 252 -20.26 -25.62 -5.52
N TRP B 253 -19.29 -25.14 -4.74
CA TRP B 253 -18.29 -26.02 -4.11
C TRP B 253 -18.99 -26.79 -2.99
N GLU B 254 -18.83 -28.10 -3.03
CA GLU B 254 -19.27 -29.05 -1.98
C GLU B 254 -18.07 -29.95 -1.67
N GLU B 255 -17.59 -29.91 -0.43
CA GLU B 255 -16.33 -30.62 -0.04
C GLU B 255 -16.34 -32.01 -0.70
N GLY B 256 -15.33 -32.30 -1.52
CA GLY B 256 -15.19 -33.55 -2.30
C GLY B 256 -15.27 -33.32 -3.80
N ASN B 257 -15.96 -32.27 -4.27
CA ASN B 257 -16.16 -32.06 -5.73
C ASN B 257 -15.06 -31.14 -6.31
N ARG B 258 -14.27 -30.50 -5.47
CA ARG B 258 -13.06 -29.70 -5.85
C ARG B 258 -13.45 -28.55 -6.78
N GLU B 259 -14.74 -28.21 -6.87
CA GLU B 259 -15.19 -27.05 -7.69
C GLU B 259 -14.70 -25.73 -7.07
N ASP B 260 -14.32 -24.78 -7.93
CA ASP B 260 -13.65 -23.52 -7.51
C ASP B 260 -14.50 -22.27 -7.82
N GLY B 261 -15.64 -22.41 -8.52
CA GLY B 261 -16.45 -21.24 -8.89
C GLY B 261 -15.70 -20.22 -9.74
N TYR B 262 -14.59 -20.60 -10.39
CA TYR B 262 -13.77 -19.66 -11.21
C TYR B 262 -14.67 -18.93 -12.23
N LEU B 263 -15.47 -19.68 -13.01
CA LEU B 263 -16.25 -19.06 -14.11
C LEU B 263 -17.46 -18.32 -13.55
N LEU B 264 -17.97 -18.71 -12.39
CA LEU B 264 -18.99 -17.89 -11.71
C LEU B 264 -18.39 -16.49 -11.46
N GLY B 265 -17.15 -16.45 -10.96
CA GLY B 265 -16.46 -15.19 -10.68
C GLY B 265 -16.27 -14.38 -11.95
N LEU B 266 -15.78 -15.00 -13.02
CA LEU B 266 -15.50 -14.27 -14.27
C LEU B 266 -16.83 -13.77 -14.85
N ASP B 267 -17.92 -14.59 -14.82
CA ASP B 267 -19.26 -14.15 -15.28
C ASP B 267 -19.68 -12.87 -14.55
N ASN B 268 -19.51 -12.85 -13.24
CA ASN B 268 -19.93 -11.71 -12.37
C ASN B 268 -19.05 -10.50 -12.66
N LEU B 269 -17.75 -10.69 -12.83
CA LEU B 269 -16.78 -9.62 -13.18
C LEU B 269 -17.15 -8.98 -14.51
N ILE B 270 -17.44 -9.77 -15.54
CA ILE B 270 -17.87 -9.23 -16.86
C ILE B 270 -19.16 -8.45 -16.65
N GLY B 271 -20.10 -8.99 -15.87
CA GLY B 271 -21.39 -8.34 -15.67
C GLY B 271 -21.22 -6.97 -15.04
N ILE B 272 -20.36 -6.89 -14.03
CA ILE B 272 -20.09 -5.64 -13.27
C ILE B 272 -19.42 -4.63 -14.21
N LEU B 273 -18.40 -5.04 -14.96
CA LEU B 273 -17.73 -4.09 -15.89
C LEU B 273 -18.71 -3.65 -17.01
N ALA B 274 -19.54 -4.54 -17.53
CA ALA B 274 -20.56 -4.20 -18.54
C ALA B 274 -21.55 -3.18 -17.93
N SER B 275 -21.97 -3.36 -16.69
CA SER B 275 -22.86 -2.39 -15.98
C SER B 275 -22.15 -1.03 -15.92
N LEU B 276 -20.89 -1.03 -15.48
CA LEU B 276 -20.12 0.22 -15.31
C LEU B 276 -20.02 0.95 -16.66
N ALA B 277 -19.82 0.23 -17.77
CA ALA B 277 -19.66 0.81 -19.13
C ALA B 277 -20.93 1.54 -19.57
N GLU B 278 -22.10 1.19 -19.01
CA GLU B 278 -23.40 1.78 -19.41
C GLU B 278 -23.75 2.99 -18.53
N ARG B 279 -23.06 3.20 -17.41
CA ARG B 279 -23.34 4.30 -16.43
C ARG B 279 -22.82 5.63 -17.00
#